data_6LT7
#
_entry.id   6LT7
#
_cell.length_a   144.168
_cell.length_b   144.168
_cell.length_c   74.223
_cell.angle_alpha   90.000
_cell.angle_beta   90.000
_cell.angle_gamma   120.000
#
_symmetry.space_group_name_H-M   'P 32'
#
loop_
_entity.id
_entity.type
_entity.pdbx_description
1 polymer 'Ribonuclease P protein subunit p20'
2 polymer 'Ribonuclease P protein subunit p25'
3 polymer '50-mer RNA'
4 non-polymer 1,2-ETHANEDIOL
5 water water
#
loop_
_entity_poly.entity_id
_entity_poly.type
_entity_poly.pdbx_seq_one_letter_code
_entity_poly.pdbx_strand_id
1 'polypeptide(L)'
;S(MSE)AENREPRGAVEAELDPVEYTLRKRLPSRLPRRPNDIYVN(MSE)KTDFKAQLARCQKLLDGGARGQNACSEIYI
HGLGLAINRAINIALQLQAGSFGSLQVAANTSTVELVDELEPETDTREPLTRIRNNSAIHIRVFRVTPK
;
A,D
2 'polypeptide(L)'
;ENFRKVRSEEAPAGCGAEGGGPGSGPFADLAPGAVH(MSE)RVKEGSKIRNL(MSE)AFATAS(MSE)AQPATRAIVFSG
CGRATTKTVTCAEILKRRLAGLHQVTRLRYRSVREVWQSLPPGPTQGQTPGEPAASLSVLKNVPGLAILLSKDALDPRQP
GYQPPNPHPGPSSPPAAPASKRSLGEPAAGEGSAKRSQPEPGVADEDQTA
;
B,E
3 'polyribonucleotide' GGUCCUAGGCUACACACUGAGGACUCUGUUCCUCCCCUUUCCGCCUAGGG C,F
#
# COMPACT_ATOMS: atom_id res chain seq x y z
N PRO A 18 -11.65 -28.10 6.98
CA PRO A 18 -11.98 -27.00 6.03
C PRO A 18 -10.93 -26.80 4.91
N VAL A 19 -11.34 -26.80 3.63
CA VAL A 19 -10.47 -26.54 2.43
C VAL A 19 -10.27 -25.03 2.24
N GLU A 20 -11.03 -24.19 2.96
CA GLU A 20 -11.00 -22.71 2.84
C GLU A 20 -11.52 -22.04 4.12
N TYR A 21 -11.04 -20.82 4.39
CA TYR A 21 -11.49 -20.02 5.55
C TYR A 21 -12.87 -19.48 5.23
N THR A 22 -13.68 -19.24 6.26
CA THR A 22 -15.04 -18.66 6.11
C THR A 22 -14.85 -17.14 5.98
N LEU A 23 -15.91 -16.36 5.72
CA LEU A 23 -15.79 -14.95 5.21
C LEU A 23 -16.35 -13.94 6.22
N ARG A 24 -15.92 -14.06 7.50
CA ARG A 24 -16.11 -13.14 8.68
C ARG A 24 -15.32 -11.82 8.51
N LYS A 25 -15.85 -10.66 8.93
CA LYS A 25 -15.26 -9.29 8.72
C LYS A 25 -15.06 -8.56 10.04
N ARG A 26 -13.88 -7.97 10.32
CA ARG A 26 -13.69 -7.14 11.56
C ARG A 26 -14.23 -5.74 11.32
N LEU A 27 -14.64 -5.03 12.37
CA LEU A 27 -15.40 -3.78 12.14
C LEU A 27 -14.41 -2.72 11.67
N PRO A 28 -14.66 -2.03 10.52
CA PRO A 28 -13.71 -1.10 9.91
C PRO A 28 -13.19 -0.06 10.91
N SER A 29 -12.18 -0.50 11.68
CA SER A 29 -11.51 0.25 12.77
C SER A 29 -12.58 0.72 13.77
N ARG A 30 -12.44 1.94 14.28
CA ARG A 30 -13.54 2.71 14.92
C ARG A 30 -13.77 3.93 14.03
N LEU A 31 -14.99 4.45 14.06
CA LEU A 31 -15.41 5.62 13.24
C LEU A 31 -15.23 6.85 14.12
N PRO A 32 -14.13 7.63 14.00
CA PRO A 32 -13.96 8.83 14.83
C PRO A 32 -15.10 9.81 14.51
N ARG A 33 -16.32 9.53 14.98
CA ARG A 33 -17.60 10.08 14.47
C ARG A 33 -17.98 11.35 15.24
N ARG A 34 -17.78 12.54 14.64
CA ARG A 34 -18.34 13.84 15.09
C ARG A 34 -19.88 13.77 15.05
N PRO A 35 -20.61 14.68 15.72
CA PRO A 35 -22.08 14.61 15.67
C PRO A 35 -22.65 14.79 14.25
N ASN A 36 -22.06 15.68 13.44
CA ASN A 36 -22.51 15.95 12.05
C ASN A 36 -21.82 15.01 11.04
N ASP A 37 -21.12 13.99 11.49
CA ASP A 37 -20.69 12.85 10.63
C ASP A 37 -21.81 11.81 10.57
N ILE A 38 -22.11 11.35 9.38
CA ILE A 38 -23.15 10.34 9.12
C ILE A 38 -22.52 9.29 8.22
N TYR A 39 -22.48 8.08 8.73
CA TYR A 39 -22.07 6.89 7.99
C TYR A 39 -23.33 6.23 7.45
N VAL A 40 -23.22 5.73 6.24
CA VAL A 40 -24.31 5.19 5.42
C VAL A 40 -24.05 3.70 5.39
N ASN A 41 -25.10 2.88 5.40
CA ASN A 41 -24.94 1.42 5.42
C ASN A 41 -25.94 0.80 4.47
N LYS A 43 -27.75 -1.79 5.35
CA LYS A 43 -28.59 -2.58 6.28
C LYS A 43 -29.88 -1.78 6.62
N THR A 44 -29.81 -0.70 7.38
CA THR A 44 -30.97 0.17 7.64
C THR A 44 -31.71 0.57 6.34
N ASP A 45 -33.00 0.89 6.44
CA ASP A 45 -33.83 1.29 5.29
C ASP A 45 -33.32 2.63 4.76
N PHE A 46 -33.31 2.78 3.44
CA PHE A 46 -32.90 4.03 2.73
C PHE A 46 -33.56 5.24 3.37
N LYS A 47 -34.89 5.20 3.44
CA LYS A 47 -35.75 6.35 3.77
C LYS A 47 -35.36 6.87 5.14
N ALA A 48 -34.96 5.97 6.03
CA ALA A 48 -34.60 6.33 7.41
C ALA A 48 -33.29 7.12 7.36
N GLN A 49 -32.34 6.63 6.54
CA GLN A 49 -30.97 7.21 6.49
C GLN A 49 -31.12 8.62 5.91
N LEU A 50 -31.91 8.69 4.84
CA LEU A 50 -32.31 9.97 4.22
C LEU A 50 -32.92 10.88 5.26
N ALA A 51 -34.01 10.43 5.88
CA ALA A 51 -34.82 11.22 6.83
C ALA A 51 -33.93 11.76 7.94
N ARG A 52 -32.97 10.95 8.34
CA ARG A 52 -32.10 11.31 9.48
C ARG A 52 -31.11 12.37 9.03
N CYS A 53 -30.56 12.23 7.81
CA CYS A 53 -29.68 13.28 7.22
C CYS A 53 -30.49 14.57 7.05
N GLN A 54 -31.71 14.43 6.52
CA GLN A 54 -32.66 15.57 6.32
C GLN A 54 -32.85 16.35 7.62
N LYS A 55 -33.08 15.70 8.77
CA LYS A 55 -33.51 16.53 9.91
C LYS A 55 -32.28 17.01 10.67
N LEU A 56 -31.12 16.39 10.46
CA LEU A 56 -29.86 16.96 10.98
C LEU A 56 -29.66 18.35 10.37
N LEU A 57 -30.02 18.50 9.09
CA LEU A 57 -29.73 19.71 8.27
C LEU A 57 -30.86 20.73 8.50
N ASP A 58 -32.11 20.26 8.51
CA ASP A 58 -33.32 21.12 8.68
C ASP A 58 -33.46 21.60 10.14
N GLY A 59 -32.96 20.86 11.15
CA GLY A 59 -33.27 21.11 12.58
C GLY A 59 -34.76 20.96 12.89
N GLY A 60 -35.28 21.59 13.96
CA GLY A 60 -36.70 21.45 14.35
C GLY A 60 -37.63 22.14 13.37
N ALA A 61 -38.93 22.26 13.69
CA ALA A 61 -39.95 22.91 12.81
C ALA A 61 -39.83 24.45 12.86
N ARG A 62 -39.14 25.02 13.86
CA ARG A 62 -38.73 26.45 13.92
C ARG A 62 -37.27 26.63 13.43
N GLY A 63 -36.70 25.65 12.71
CA GLY A 63 -35.29 25.68 12.24
C GLY A 63 -34.23 25.59 13.36
N GLN A 64 -34.61 25.22 14.58
CA GLN A 64 -33.69 25.17 15.75
C GLN A 64 -32.78 23.93 15.65
N ASN A 65 -31.52 24.08 16.08
CA ASN A 65 -30.49 23.01 16.05
C ASN A 65 -30.42 22.35 14.66
N ALA A 66 -30.35 23.14 13.60
CA ALA A 66 -29.98 22.67 12.24
C ALA A 66 -28.45 22.69 12.14
N CYS A 67 -27.85 21.72 11.44
CA CYS A 67 -26.39 21.70 11.15
C CYS A 67 -26.12 22.56 9.92
N SER A 68 -25.01 23.31 9.93
CA SER A 68 -24.55 24.13 8.79
C SER A 68 -24.12 23.20 7.65
N GLU A 69 -23.46 22.12 8.01
CA GLU A 69 -22.98 21.05 7.11
C GLU A 69 -23.10 19.72 7.84
N ILE A 70 -23.40 18.65 7.13
CA ILE A 70 -23.08 17.27 7.56
C ILE A 70 -22.06 16.68 6.60
N TYR A 71 -21.35 15.62 7.02
CA TYR A 71 -20.51 14.77 6.15
C TYR A 71 -21.17 13.38 6.06
N ILE A 72 -21.36 12.92 4.83
CA ILE A 72 -22.00 11.63 4.55
C ILE A 72 -20.89 10.73 4.06
N HIS A 73 -20.62 9.66 4.81
CA HIS A 73 -19.49 8.75 4.50
C HIS A 73 -20.09 7.42 4.06
N GLY A 74 -19.63 6.87 2.94
CA GLY A 74 -20.08 5.59 2.41
C GLY A 74 -18.89 4.80 1.93
N LEU A 75 -18.91 3.48 2.12
CA LEU A 75 -17.79 2.60 1.77
C LEU A 75 -18.26 1.56 0.75
N GLY A 76 -17.37 1.11 -0.09
CA GLY A 76 -17.72 -0.03 -0.97
C GLY A 76 -19.07 0.22 -1.58
N LEU A 77 -19.98 -0.75 -1.54
CA LEU A 77 -21.29 -0.65 -2.24
C LEU A 77 -22.11 0.53 -1.74
N ALA A 78 -21.94 0.93 -0.48
CA ALA A 78 -22.63 2.11 0.09
C ALA A 78 -22.20 3.43 -0.59
N ILE A 79 -21.29 3.44 -1.57
CA ILE A 79 -20.93 4.74 -2.20
C ILE A 79 -22.15 5.30 -2.94
N ASN A 80 -22.74 4.52 -3.84
CA ASN A 80 -23.94 4.93 -4.59
C ASN A 80 -24.99 5.50 -3.64
N ARG A 81 -25.16 4.92 -2.47
CA ARG A 81 -26.27 5.29 -1.58
C ARG A 81 -25.98 6.63 -0.95
N ALA A 82 -24.70 6.88 -0.63
CA ALA A 82 -24.23 8.19 -0.09
C ALA A 82 -24.51 9.28 -1.12
N ILE A 83 -24.11 9.04 -2.36
CA ILE A 83 -24.33 9.98 -3.49
C ILE A 83 -25.83 10.27 -3.56
N ASN A 84 -26.59 9.18 -3.62
CA ASN A 84 -28.06 9.20 -3.70
C ASN A 84 -28.67 10.08 -2.61
N ILE A 85 -28.29 9.87 -1.37
CA ILE A 85 -28.80 10.69 -0.25
C ILE A 85 -28.34 12.13 -0.45
N ALA A 86 -27.12 12.36 -0.93
CA ALA A 86 -26.62 13.75 -0.99
C ALA A 86 -27.41 14.51 -2.06
N LEU A 87 -27.63 13.88 -3.21
CA LEU A 87 -28.36 14.49 -4.35
C LEU A 87 -29.83 14.70 -3.99
N GLN A 88 -30.50 13.71 -3.36
CA GLN A 88 -31.90 13.83 -2.85
C GLN A 88 -32.00 15.00 -1.87
N LEU A 89 -31.03 15.19 -0.97
CA LEU A 89 -31.04 16.34 -0.04
C LEU A 89 -31.01 17.65 -0.84
N GLN A 90 -30.15 17.68 -1.87
CA GLN A 90 -29.85 18.94 -2.60
C GLN A 90 -31.08 19.27 -3.45
N ALA A 91 -31.67 18.24 -4.06
CA ALA A 91 -32.84 18.32 -4.94
C ALA A 91 -34.04 18.95 -4.23
N GLY A 92 -34.14 18.89 -2.91
CA GLY A 92 -35.32 19.41 -2.20
C GLY A 92 -35.05 20.68 -1.44
N SER A 93 -33.85 21.25 -1.55
CA SER A 93 -33.41 22.44 -0.76
C SER A 93 -33.80 23.79 -1.40
N PHE A 94 -34.34 23.84 -2.64
CA PHE A 94 -34.52 25.12 -3.37
C PHE A 94 -33.14 25.81 -3.47
N GLY A 95 -32.11 25.04 -3.84
CA GLY A 95 -30.72 25.51 -3.94
C GLY A 95 -30.11 26.04 -2.65
N SER A 96 -30.63 25.75 -1.45
CA SER A 96 -29.94 26.12 -0.18
C SER A 96 -28.91 25.06 0.24
N LEU A 97 -28.86 23.88 -0.38
CA LEU A 97 -27.85 22.84 0.01
C LEU A 97 -26.94 22.52 -1.19
N GLN A 98 -25.65 22.60 -0.96
CA GLN A 98 -24.58 22.35 -1.96
C GLN A 98 -23.82 21.10 -1.53
N VAL A 99 -23.31 20.33 -2.48
CA VAL A 99 -22.56 19.09 -2.18
C VAL A 99 -21.11 19.28 -2.62
N ALA A 100 -20.22 18.57 -1.96
CA ALA A 100 -18.76 18.49 -2.23
C ALA A 100 -18.24 17.10 -1.84
N ALA A 101 -17.92 16.28 -2.83
CA ALA A 101 -17.47 14.90 -2.66
C ALA A 101 -15.93 14.81 -2.69
N ASN A 102 -15.32 14.15 -1.70
CA ASN A 102 -13.93 13.62 -1.80
C ASN A 102 -13.98 12.08 -1.80
N THR A 103 -12.93 11.44 -2.28
CA THR A 103 -12.77 9.96 -2.22
C THR A 103 -11.59 9.62 -1.31
N SER A 104 -11.47 8.36 -0.87
CA SER A 104 -10.31 7.87 -0.08
C SER A 104 -10.22 6.37 -0.21
N THR A 105 -9.12 5.79 0.26
CA THR A 105 -8.92 4.33 0.24
C THR A 105 -8.99 3.86 1.68
N VAL A 106 -9.61 2.71 1.91
CA VAL A 106 -9.89 2.24 3.29
C VAL A 106 -9.43 0.80 3.38
N GLU A 107 -8.53 0.53 4.31
CA GLU A 107 -8.04 -0.86 4.53
C GLU A 107 -9.09 -1.59 5.37
N LEU A 108 -9.49 -2.75 4.90
CA LEU A 108 -10.38 -3.68 5.63
C LEU A 108 -9.61 -4.97 6.01
N VAL A 109 -10.00 -5.51 7.16
CA VAL A 109 -9.41 -6.73 7.78
C VAL A 109 -10.49 -7.80 7.94
N ASP A 110 -10.41 -8.89 7.19
CA ASP A 110 -11.24 -10.11 7.35
C ASP A 110 -10.56 -11.07 8.34
N GLU A 111 -11.21 -11.45 9.44
CA GLU A 111 -10.67 -12.42 10.44
C GLU A 111 -10.55 -13.80 9.77
N LEU A 112 -9.38 -14.43 9.94
CA LEU A 112 -9.08 -15.81 9.47
C LEU A 112 -8.93 -16.74 10.69
N GLU A 113 -8.25 -16.32 11.74
CA GLU A 113 -8.05 -17.14 12.96
C GLU A 113 -8.19 -16.25 14.19
N PRO A 114 -8.93 -16.71 15.23
CA PRO A 114 -9.25 -15.89 16.38
C PRO A 114 -8.06 -15.15 17.02
N GLU A 115 -8.28 -13.88 17.34
CA GLU A 115 -7.42 -13.08 18.25
C GLU A 115 -7.49 -13.74 19.63
N THR A 116 -6.49 -14.49 20.05
CA THR A 116 -6.48 -15.09 21.41
C THR A 116 -5.64 -14.19 22.32
N ASP A 117 -5.90 -14.27 23.63
CA ASP A 117 -5.13 -13.65 24.75
C ASP A 117 -3.65 -13.51 24.35
N THR A 118 -3.05 -14.62 23.88
CA THR A 118 -1.60 -14.83 23.61
C THR A 118 -1.17 -14.05 22.35
N ARG A 119 -1.68 -14.46 21.20
CA ARG A 119 -1.10 -14.17 19.85
C ARG A 119 -1.97 -13.17 19.09
N GLU A 120 -1.29 -12.31 18.31
CA GLU A 120 -1.88 -11.54 17.18
C GLU A 120 -2.72 -12.48 16.31
N PRO A 121 -3.91 -12.05 15.86
CA PRO A 121 -4.74 -12.89 15.00
C PRO A 121 -4.24 -12.94 13.57
N LEU A 122 -4.76 -13.89 12.80
CA LEU A 122 -4.42 -14.08 11.39
C LEU A 122 -5.57 -13.48 10.54
N THR A 123 -5.23 -12.60 9.60
CA THR A 123 -6.22 -11.74 8.91
C THR A 123 -5.81 -11.52 7.47
N ARG A 124 -6.82 -11.32 6.66
CA ARG A 124 -6.70 -11.08 5.21
C ARG A 124 -6.92 -9.58 5.05
N ILE A 125 -6.10 -8.92 4.22
CA ILE A 125 -6.08 -7.44 4.08
C ILE A 125 -6.54 -7.11 2.68
N ARG A 126 -7.52 -6.20 2.59
CA ARG A 126 -8.00 -5.73 1.27
C ARG A 126 -8.42 -4.27 1.41
N ASN A 127 -8.61 -3.62 0.27
CA ASN A 127 -8.86 -2.17 0.20
C ASN A 127 -10.26 -1.98 -0.40
N ASN A 128 -11.01 -1.06 0.17
CA ASN A 128 -12.23 -0.57 -0.49
C ASN A 128 -12.10 0.95 -0.67
N SER A 129 -12.69 1.45 -1.74
CA SER A 129 -12.92 2.90 -1.95
C SER A 129 -14.02 3.35 -0.98
N ALA A 130 -13.89 4.53 -0.43
CA ALA A 130 -14.93 5.26 0.32
C ALA A 130 -15.18 6.63 -0.32
N ILE A 131 -16.36 7.22 -0.09
CA ILE A 131 -16.71 8.59 -0.56
C ILE A 131 -17.12 9.40 0.66
N HIS A 132 -16.90 10.70 0.61
CA HIS A 132 -17.07 11.61 1.78
C HIS A 132 -17.70 12.91 1.24
N ILE A 133 -19.00 13.05 1.44
CA ILE A 133 -19.82 14.12 0.81
C ILE A 133 -20.21 15.15 1.86
N ARG A 134 -19.54 16.31 1.82
CA ARG A 134 -19.96 17.50 2.60
C ARG A 134 -21.26 18.01 1.97
N VAL A 135 -22.30 18.15 2.76
CA VAL A 135 -23.60 18.70 2.33
C VAL A 135 -23.83 19.90 3.22
N PHE A 136 -23.84 21.11 2.63
CA PHE A 136 -23.79 22.34 3.46
C PHE A 136 -24.85 23.33 2.98
N ARG A 137 -25.37 24.05 3.97
CA ARG A 137 -26.42 25.08 3.81
C ARG A 137 -25.74 26.36 3.36
N VAL A 138 -26.18 26.86 2.20
CA VAL A 138 -25.84 28.23 1.70
C VAL A 138 -27.07 29.12 1.80
N THR A 139 -26.86 30.32 2.32
CA THR A 139 -27.92 31.35 2.53
C THR A 139 -27.52 32.68 1.90
N PRO A 140 -28.49 33.50 1.42
CA PRO A 140 -28.17 34.82 0.88
C PRO A 140 -27.36 35.76 1.80
N LYS A 141 -26.78 36.81 1.21
CA LYS A 141 -25.83 37.79 1.83
C LYS A 141 -24.45 37.15 1.96
N SER B 8 -29.61 -1.71 -23.04
CA SER B 8 -29.16 -0.79 -21.95
C SER B 8 -28.33 0.35 -22.54
N GLU B 9 -28.87 1.57 -22.51
CA GLU B 9 -28.20 2.82 -22.96
C GLU B 9 -28.32 3.90 -21.88
N GLU B 10 -27.26 4.68 -21.69
CA GLU B 10 -27.09 5.74 -20.66
C GLU B 10 -27.40 7.10 -21.30
N ALA B 11 -27.55 8.15 -20.49
CA ALA B 11 -27.83 9.56 -20.86
C ALA B 11 -28.06 10.36 -19.58
N PRO B 12 -27.99 11.71 -19.58
CA PRO B 12 -28.42 12.48 -18.41
C PRO B 12 -29.92 12.28 -18.11
N SER B 24 -17.94 19.29 -24.08
CA SER B 24 -18.17 17.91 -24.57
C SER B 24 -18.17 16.92 -23.40
N GLY B 25 -17.18 17.01 -22.51
CA GLY B 25 -16.93 16.04 -21.42
C GLY B 25 -17.42 16.51 -20.06
N PRO B 26 -17.38 15.62 -19.03
CA PRO B 26 -17.79 15.98 -17.68
C PRO B 26 -16.95 17.08 -17.02
N PHE B 27 -15.72 17.30 -17.51
CA PHE B 27 -14.88 18.44 -17.06
C PHE B 27 -14.39 19.29 -18.26
N ALA B 28 -15.23 19.47 -19.28
CA ALA B 28 -15.01 20.43 -20.39
C ALA B 28 -14.62 21.80 -19.83
N ASP B 29 -15.26 22.24 -18.77
CA ASP B 29 -14.92 23.54 -18.16
C ASP B 29 -13.49 23.56 -17.60
N LEU B 30 -12.91 22.46 -17.10
CA LEU B 30 -11.69 22.55 -16.26
C LEU B 30 -10.48 21.98 -16.98
N ALA B 31 -10.68 21.08 -17.94
CA ALA B 31 -9.66 20.27 -18.59
C ALA B 31 -10.24 19.73 -19.89
N PRO B 32 -10.28 20.55 -20.96
CA PRO B 32 -11.18 20.28 -22.08
C PRO B 32 -10.76 19.04 -22.88
N GLY B 33 -9.45 18.86 -23.09
CA GLY B 33 -8.92 17.76 -23.95
C GLY B 33 -8.55 16.50 -23.18
N ALA B 34 -8.96 16.41 -21.91
CA ALA B 34 -8.56 15.36 -20.95
C ALA B 34 -8.89 13.98 -21.50
N VAL B 35 -8.10 12.99 -21.12
CA VAL B 35 -8.37 11.56 -21.49
C VAL B 35 -9.61 11.15 -20.70
N HIS B 36 -10.56 10.52 -21.35
CA HIS B 36 -11.83 10.16 -20.68
C HIS B 36 -11.85 8.65 -20.49
N ARG B 38 -13.93 5.80 -19.54
CA ARG B 38 -15.36 5.47 -19.38
C ARG B 38 -15.38 4.12 -18.70
N VAL B 39 -15.72 4.09 -17.42
CA VAL B 39 -15.67 2.85 -16.60
C VAL B 39 -17.04 2.17 -16.67
N LYS B 40 -17.07 0.93 -17.16
CA LYS B 40 -18.29 0.08 -17.20
C LYS B 40 -18.16 -0.98 -16.11
N GLU B 41 -19.28 -1.40 -15.50
CA GLU B 41 -19.29 -2.57 -14.62
C GLU B 41 -18.81 -3.69 -15.53
N GLY B 42 -17.93 -4.56 -15.08
CA GLY B 42 -17.43 -5.58 -16.03
C GLY B 42 -16.09 -5.18 -16.61
N SER B 43 -15.92 -3.92 -17.00
CA SER B 43 -14.56 -3.37 -17.29
C SER B 43 -13.58 -4.01 -16.31
N LYS B 44 -12.54 -4.67 -16.81
CA LYS B 44 -11.47 -5.21 -15.94
C LYS B 44 -10.61 -4.03 -15.46
N ILE B 45 -10.37 -3.90 -14.17
CA ILE B 45 -9.55 -2.78 -13.64
C ILE B 45 -8.21 -2.76 -14.35
N ARG B 46 -7.57 -3.93 -14.40
CA ARG B 46 -6.17 -4.07 -14.88
C ARG B 46 -6.08 -3.52 -16.32
N ASN B 47 -7.13 -3.71 -17.11
CA ASN B 47 -7.19 -3.14 -18.48
C ASN B 47 -7.28 -1.61 -18.41
N LEU B 48 -8.26 -1.08 -17.67
CA LEU B 48 -8.47 0.38 -17.51
C LEU B 48 -7.18 1.02 -17.01
N ALA B 50 -3.97 -0.10 -17.08
CA ALA B 50 -2.91 -0.20 -18.10
C ALA B 50 -3.04 1.06 -18.99
N PHE B 51 -4.19 1.22 -19.66
CA PHE B 51 -4.40 2.35 -20.59
C PHE B 51 -4.18 3.69 -19.87
N ALA B 52 -4.76 3.87 -18.70
CA ALA B 52 -4.71 5.11 -17.89
C ALA B 52 -3.26 5.48 -17.55
N THR B 53 -2.44 4.51 -17.12
CA THR B 53 -1.07 4.76 -16.61
C THR B 53 -0.17 5.13 -17.79
N ALA B 54 -0.31 4.39 -18.90
CA ALA B 54 0.42 4.64 -20.16
C ALA B 54 0.09 6.07 -20.61
N SER B 55 -1.21 6.37 -20.70
CA SER B 55 -1.72 7.69 -21.12
C SER B 55 -1.11 8.81 -20.27
N ALA B 57 1.63 8.53 -18.42
CA ALA B 57 3.10 8.37 -18.54
C ALA B 57 3.66 9.44 -19.48
N GLN B 58 2.93 9.74 -20.58
CA GLN B 58 3.18 10.85 -21.56
C GLN B 58 3.03 12.23 -20.93
N PRO B 59 4.09 13.06 -20.91
CA PRO B 59 4.03 14.33 -20.18
C PRO B 59 3.08 15.35 -20.78
N ALA B 60 2.71 15.17 -22.04
CA ALA B 60 1.80 16.09 -22.76
C ALA B 60 0.35 15.84 -22.31
N THR B 61 0.03 14.59 -21.97
CA THR B 61 -1.21 14.25 -21.25
C THR B 61 -1.20 14.91 -19.87
N ARG B 62 -2.04 15.92 -19.68
CA ARG B 62 -2.05 16.79 -18.47
C ARG B 62 -3.12 16.35 -17.48
N ALA B 63 -4.10 15.57 -17.93
CA ALA B 63 -5.26 15.30 -17.07
C ALA B 63 -6.05 14.12 -17.58
N ILE B 64 -6.72 13.46 -16.65
CA ILE B 64 -7.54 12.26 -16.96
C ILE B 64 -8.81 12.30 -16.13
N VAL B 65 -9.85 11.69 -16.67
CA VAL B 65 -11.20 11.66 -16.05
C VAL B 65 -11.65 10.21 -16.03
N PHE B 66 -12.13 9.76 -14.88
CA PHE B 66 -12.83 8.45 -14.79
C PHE B 66 -14.29 8.78 -14.52
N SER B 67 -15.18 8.09 -15.23
CA SER B 67 -16.66 8.27 -15.24
C SER B 67 -17.28 6.91 -15.04
N GLY B 68 -18.36 6.87 -14.25
CA GLY B 68 -19.25 5.72 -14.16
C GLY B 68 -20.46 6.02 -13.30
N CYS B 69 -21.40 5.08 -13.31
CA CYS B 69 -22.65 5.16 -12.53
C CYS B 69 -23.24 3.78 -12.27
N GLY B 70 -24.28 3.78 -11.45
CA GLY B 70 -24.90 2.56 -10.93
C GLY B 70 -23.87 1.58 -10.45
N ARG B 71 -23.78 0.46 -11.14
CA ARG B 71 -23.00 -0.69 -10.68
C ARG B 71 -21.52 -0.47 -10.98
N ALA B 72 -21.16 0.62 -11.69
CA ALA B 72 -19.75 0.91 -12.07
C ALA B 72 -19.13 2.03 -11.20
N THR B 73 -19.89 2.56 -10.26
CA THR B 73 -19.47 3.70 -9.43
C THR B 73 -18.27 3.29 -8.56
N THR B 74 -18.35 2.20 -7.82
CA THR B 74 -17.28 1.84 -6.86
C THR B 74 -15.99 1.69 -7.68
N LYS B 75 -16.07 1.04 -8.84
CA LYS B 75 -14.90 0.79 -9.71
C LYS B 75 -14.36 2.13 -10.21
N THR B 76 -15.26 3.05 -10.54
CA THR B 76 -14.81 4.38 -11.01
C THR B 76 -13.90 4.93 -9.92
N VAL B 77 -14.34 4.88 -8.66
CA VAL B 77 -13.58 5.50 -7.55
C VAL B 77 -12.29 4.71 -7.37
N THR B 78 -12.36 3.40 -7.55
CA THR B 78 -11.23 2.50 -7.27
C THR B 78 -10.13 2.84 -8.26
N CYS B 79 -10.50 2.97 -9.55
CA CYS B 79 -9.55 3.34 -10.63
C CYS B 79 -8.87 4.67 -10.26
N ALA B 80 -9.63 5.69 -9.85
CA ALA B 80 -9.08 6.99 -9.42
C ALA B 80 -8.10 6.78 -8.25
N GLU B 81 -8.40 5.90 -7.30
CA GLU B 81 -7.57 5.83 -6.06
C GLU B 81 -6.25 5.12 -6.38
N ILE B 82 -6.33 4.13 -7.24
CA ILE B 82 -5.14 3.34 -7.65
C ILE B 82 -4.21 4.28 -8.43
N LEU B 83 -4.71 5.06 -9.39
CA LEU B 83 -3.84 6.00 -10.13
C LEU B 83 -3.22 6.99 -9.13
N LYS B 84 -3.95 7.44 -8.12
CA LYS B 84 -3.34 8.40 -7.18
C LYS B 84 -2.23 7.74 -6.38
N ARG B 85 -2.21 6.41 -6.33
CA ARG B 85 -1.27 5.64 -5.47
C ARG B 85 0.05 5.51 -6.22
N ARG B 86 -0.02 5.26 -7.52
CA ARG B 86 1.14 5.27 -8.45
C ARG B 86 1.67 6.69 -8.75
N LEU B 87 0.81 7.70 -8.98
CA LEU B 87 1.20 9.08 -9.34
C LEU B 87 0.85 10.07 -8.24
N ALA B 88 1.79 10.45 -7.42
CA ALA B 88 1.59 11.48 -6.38
C ALA B 88 1.62 12.85 -7.05
N GLY B 89 1.01 13.85 -6.44
CA GLY B 89 0.91 15.20 -7.03
C GLY B 89 -0.38 15.49 -7.82
N LEU B 90 -1.12 14.53 -8.36
CA LEU B 90 -2.38 14.84 -9.10
C LEU B 90 -3.36 15.66 -8.25
N HIS B 91 -4.06 16.58 -8.89
CA HIS B 91 -5.10 17.45 -8.29
C HIS B 91 -6.41 16.82 -8.69
N GLN B 92 -7.33 16.74 -7.73
CA GLN B 92 -8.57 15.97 -7.91
C GLN B 92 -9.75 16.91 -7.70
N VAL B 93 -10.74 16.66 -8.52
CA VAL B 93 -12.11 17.24 -8.37
C VAL B 93 -13.08 16.08 -8.58
N THR B 94 -13.99 15.86 -7.62
CA THR B 94 -15.02 14.80 -7.76
C THR B 94 -16.38 15.47 -7.99
N ARG B 95 -17.10 15.06 -9.02
CA ARG B 95 -18.48 15.55 -9.31
C ARG B 95 -19.51 14.43 -9.32
N LEU B 96 -20.58 14.64 -8.57
CA LEU B 96 -21.74 13.73 -8.44
C LEU B 96 -22.73 14.16 -9.50
N ARG B 97 -23.28 13.19 -10.21
CA ARG B 97 -24.41 13.39 -11.12
C ARG B 97 -25.35 12.16 -11.08
N TYR B 98 -26.58 12.34 -11.54
CA TYR B 98 -27.51 11.24 -11.87
C TYR B 98 -27.41 10.97 -13.36
N ARG B 99 -27.62 9.73 -13.75
CA ARG B 99 -27.73 9.30 -15.16
C ARG B 99 -29.03 8.54 -15.35
N SER B 100 -29.62 8.59 -16.55
CA SER B 100 -30.82 7.81 -16.95
C SER B 100 -30.38 6.66 -17.83
N VAL B 101 -31.00 5.50 -17.66
CA VAL B 101 -30.70 4.27 -18.43
C VAL B 101 -32.02 3.70 -18.96
N ARG B 102 -31.99 2.93 -20.07
CA ARG B 102 -33.18 2.25 -20.67
C ARG B 102 -32.89 0.76 -20.89
N GLU B 103 -33.92 -0.08 -20.73
CA GLU B 103 -33.94 -1.55 -20.98
C GLU B 103 -33.11 -1.89 -22.23
N VAL B 127 -38.50 0.33 -19.37
CA VAL B 127 -37.91 0.39 -18.01
C VAL B 127 -36.75 1.40 -17.98
N LEU B 128 -37.01 2.63 -17.50
CA LEU B 128 -36.05 3.76 -17.41
C LEU B 128 -35.73 4.05 -15.94
N LYS B 129 -34.47 3.89 -15.50
CA LYS B 129 -34.01 4.08 -14.09
C LYS B 129 -33.09 5.31 -13.97
N ASN B 130 -33.18 6.02 -12.85
CA ASN B 130 -32.14 6.95 -12.33
C ASN B 130 -31.08 6.17 -11.53
N VAL B 131 -29.80 6.34 -11.89
CA VAL B 131 -28.64 5.76 -11.17
C VAL B 131 -27.69 6.86 -10.73
N PRO B 132 -27.24 6.80 -9.46
CA PRO B 132 -26.25 7.72 -8.95
C PRO B 132 -24.96 7.43 -9.71
N GLY B 133 -24.14 8.45 -9.89
CA GLY B 133 -22.88 8.25 -10.61
C GLY B 133 -21.87 9.34 -10.29
N LEU B 134 -20.74 9.23 -10.96
CA LEU B 134 -19.52 9.92 -10.54
C LEU B 134 -18.70 10.27 -11.77
N ALA B 135 -18.06 11.43 -11.71
CA ALA B 135 -16.94 11.71 -12.63
C ALA B 135 -15.80 12.33 -11.80
N ILE B 136 -14.60 11.76 -11.92
CA ILE B 136 -13.39 12.18 -11.16
C ILE B 136 -12.34 12.69 -12.15
N LEU B 137 -11.85 13.88 -11.87
CA LEU B 137 -10.80 14.55 -12.66
C LEU B 137 -9.52 14.48 -11.84
N LEU B 138 -8.45 14.00 -12.48
CA LEU B 138 -7.07 14.03 -11.91
C LEU B 138 -6.19 14.77 -12.91
N SER B 139 -5.52 15.80 -12.42
CA SER B 139 -4.81 16.81 -13.25
C SER B 139 -3.35 16.91 -12.80
N LYS B 140 -2.39 16.80 -13.74
CA LYS B 140 -0.97 17.09 -13.44
C LYS B 140 -0.88 18.57 -13.10
N ASP B 141 -1.81 19.40 -13.57
CA ASP B 141 -1.72 20.87 -13.32
C ASP B 141 -2.72 21.27 -12.23
N ALA B 142 -2.37 22.26 -11.43
CA ALA B 142 -3.19 22.79 -10.32
C ALA B 142 -4.58 23.21 -10.82
N LEU B 143 -5.56 22.99 -9.97
CA LEU B 143 -6.97 23.37 -10.14
C LEU B 143 -7.31 24.29 -8.98
N ASP B 144 -8.33 25.11 -9.17
CA ASP B 144 -8.66 26.16 -8.19
C ASP B 144 -9.21 25.40 -6.99
N PRO B 145 -8.62 25.52 -5.81
CA PRO B 145 -9.13 24.82 -4.64
C PRO B 145 -10.61 25.10 -4.34
N ARG B 146 -11.20 26.12 -4.94
CA ARG B 146 -12.61 26.52 -4.68
C ARG B 146 -13.56 25.69 -5.51
N GLN B 147 -13.10 25.01 -6.55
CA GLN B 147 -13.98 24.06 -7.28
C GLN B 147 -14.60 23.12 -6.26
N PRO B 148 -15.94 22.99 -6.19
CA PRO B 148 -16.55 22.09 -5.24
C PRO B 148 -16.17 20.68 -5.66
N GLY B 149 -15.73 19.86 -4.71
CA GLY B 149 -15.27 18.48 -4.95
C GLY B 149 -13.76 18.42 -5.12
N TYR B 150 -13.09 19.53 -4.83
CA TYR B 150 -11.62 19.63 -4.93
C TYR B 150 -10.99 18.83 -3.79
N GLN B 151 -9.96 18.07 -4.13
CA GLN B 151 -9.08 17.36 -3.15
C GLN B 151 -7.62 17.72 -3.46
N PRO B 152 -6.89 18.38 -2.56
CA PRO B 152 -5.47 18.67 -2.76
C PRO B 152 -4.68 17.37 -2.87
N PRO B 153 -3.47 17.37 -3.46
CA PRO B 153 -2.70 16.13 -3.63
C PRO B 153 -2.20 15.66 -2.27
N ASN B 154 -2.28 14.36 -2.06
CA ASN B 154 -1.81 13.66 -0.84
C ASN B 154 -0.27 13.71 -0.86
N PRO B 155 0.41 14.49 0.03
CA PRO B 155 1.88 14.56 0.03
C PRO B 155 2.56 13.26 0.47
N HIS B 156 3.89 13.14 0.29
CA HIS B 156 4.68 11.92 0.62
C HIS B 156 5.79 12.27 1.63
N PRO B 157 5.57 12.00 2.95
CA PRO B 157 6.50 12.44 4.02
C PRO B 157 7.69 11.52 4.27
N PRO D 18 9.27 15.93 -25.22
CA PRO D 18 9.41 14.53 -24.73
C PRO D 18 8.14 13.67 -24.94
N VAL D 19 8.29 12.34 -25.13
CA VAL D 19 7.17 11.34 -25.24
C VAL D 19 7.21 10.34 -24.06
N GLU D 20 8.12 10.56 -23.10
CA GLU D 20 8.16 9.82 -21.81
C GLU D 20 9.08 10.56 -20.85
N TYR D 21 8.78 10.48 -19.56
CA TYR D 21 9.54 11.16 -18.49
C TYR D 21 10.90 10.48 -18.42
N THR D 22 11.89 11.16 -17.88
CA THR D 22 13.27 10.62 -17.76
C THR D 22 13.40 10.05 -16.34
N LEU D 23 14.07 8.89 -16.14
CA LEU D 23 14.44 8.40 -14.77
C LEU D 23 15.21 9.49 -14.00
N ARG D 24 14.72 9.90 -12.81
CA ARG D 24 15.39 10.81 -11.85
C ARG D 24 14.94 10.45 -10.41
N LYS D 25 15.81 9.86 -9.59
CA LYS D 25 15.47 9.32 -8.24
C LYS D 25 15.57 10.41 -7.17
N ARG D 26 14.67 10.42 -6.19
CA ARG D 26 14.72 11.33 -5.01
C ARG D 26 15.32 10.56 -3.85
N LEU D 27 16.07 11.21 -2.96
CA LEU D 27 16.83 10.46 -1.91
C LEU D 27 15.79 9.75 -1.03
N PRO D 28 15.91 8.41 -0.82
CA PRO D 28 14.96 7.63 -0.01
C PRO D 28 14.67 8.15 1.41
N SER D 29 13.88 9.23 1.48
CA SER D 29 13.60 10.05 2.68
C SER D 29 14.92 10.67 3.16
N ARG D 30 15.07 10.92 4.46
CA ARG D 30 16.38 10.96 5.13
C ARG D 30 16.52 9.66 5.93
N LEU D 31 17.74 9.18 6.05
CA LEU D 31 18.06 7.94 6.79
C LEU D 31 18.27 8.35 8.24
N PRO D 32 17.31 8.10 9.18
CA PRO D 32 17.56 8.41 10.59
C PRO D 32 18.71 7.51 11.03
N ARG D 33 19.95 8.00 10.89
CA ARG D 33 21.19 7.20 10.98
C ARG D 33 21.81 7.39 12.36
N ARG D 34 21.53 6.48 13.31
CA ARG D 34 22.32 6.24 14.55
C ARG D 34 23.78 5.99 14.16
N PRO D 35 24.77 6.13 15.07
CA PRO D 35 26.18 5.98 14.68
C PRO D 35 26.57 4.55 14.29
N ASN D 36 25.97 3.55 14.95
CA ASN D 36 26.21 2.11 14.60
C ASN D 36 25.29 1.63 13.45
N ASP D 37 24.54 2.53 12.80
CA ASP D 37 23.76 2.21 11.57
C ASP D 37 24.66 2.41 10.36
N ILE D 38 24.68 1.46 9.45
CA ILE D 38 25.53 1.48 8.24
C ILE D 38 24.62 1.14 7.08
N TYR D 39 24.54 2.08 6.15
CA TYR D 39 23.86 1.88 4.87
C TYR D 39 24.89 1.43 3.85
N VAL D 40 24.45 0.58 2.97
CA VAL D 40 25.29 -0.16 2.02
C VAL D 40 24.83 0.36 0.69
N ASN D 41 25.76 0.60 -0.22
CA ASN D 41 25.40 1.21 -1.52
C ASN D 41 26.14 0.45 -2.62
N LYS D 43 27.78 2.02 -5.06
CA LYS D 43 28.69 3.05 -5.62
C LYS D 43 30.10 2.87 -5.03
N THR D 44 30.32 3.19 -3.75
CA THR D 44 31.61 2.92 -3.06
C THR D 44 32.10 1.49 -3.30
N ASP D 45 33.41 1.28 -3.22
CA ASP D 45 34.05 -0.05 -3.37
C ASP D 45 33.54 -0.98 -2.27
N PHE D 46 33.32 -2.25 -2.60
CA PHE D 46 33.02 -3.31 -1.60
C PHE D 46 33.98 -3.23 -0.40
N LYS D 47 35.30 -3.31 -0.64
CA LYS D 47 36.29 -3.57 0.44
C LYS D 47 36.25 -2.43 1.43
N ALA D 48 35.91 -1.24 0.93
CA ALA D 48 35.84 -0.04 1.78
C ALA D 48 34.64 -0.20 2.71
N GLN D 49 33.49 -0.64 2.14
CA GLN D 49 32.24 -0.82 2.94
C GLN D 49 32.49 -1.93 3.96
N LEU D 50 33.09 -3.02 3.52
CA LEU D 50 33.48 -4.13 4.41
C LEU D 50 34.41 -3.64 5.52
N ALA D 51 35.54 -3.04 5.13
CA ALA D 51 36.58 -2.53 6.07
C ALA D 51 35.93 -1.59 7.09
N ARG D 52 35.04 -0.74 6.61
CA ARG D 52 34.46 0.29 7.52
C ARG D 52 33.59 -0.40 8.55
N CYS D 53 32.80 -1.40 8.12
CA CYS D 53 31.96 -2.22 9.04
C CYS D 53 32.89 -2.98 10.00
N GLN D 54 33.94 -3.60 9.45
CA GLN D 54 34.98 -4.33 10.21
C GLN D 54 35.56 -3.43 11.31
N LYS D 55 35.88 -2.17 11.00
CA LYS D 55 36.55 -1.32 12.02
C LYS D 55 35.51 -0.90 13.05
N LEU D 56 34.27 -0.67 12.68
CA LEU D 56 33.25 -0.28 13.69
C LEU D 56 33.18 -1.35 14.79
N LEU D 57 33.33 -2.62 14.41
CA LEU D 57 33.07 -3.78 15.29
C LEU D 57 34.34 -4.15 16.07
N ASP D 58 35.51 -4.00 15.44
CA ASP D 58 36.84 -4.36 16.03
C ASP D 58 37.37 -3.24 16.94
N GLY D 59 37.02 -1.97 16.70
CA GLY D 59 37.62 -0.82 17.41
C GLY D 59 39.10 -0.66 17.08
N GLY D 60 39.87 0.02 17.95
CA GLY D 60 41.32 0.20 17.74
C GLY D 60 42.09 -1.10 17.87
N ALA D 61 43.44 -1.02 17.83
CA ALA D 61 44.38 -2.17 17.87
C ALA D 61 44.44 -2.79 19.28
N ARG D 62 43.99 -2.07 20.31
CA ARG D 62 43.67 -2.60 21.67
C ARG D 62 42.15 -2.45 21.89
N GLY D 63 41.34 -3.01 20.97
CA GLY D 63 39.86 -3.09 21.02
C GLY D 63 39.18 -1.87 21.63
N GLN D 64 39.75 -0.67 21.48
CA GLN D 64 39.15 0.57 22.01
C GLN D 64 37.99 1.00 21.11
N ASN D 65 36.83 1.26 21.73
CA ASN D 65 35.61 1.82 21.09
C ASN D 65 35.17 0.95 19.91
N ALA D 66 35.18 -0.37 20.08
CA ALA D 66 34.44 -1.30 19.19
C ALA D 66 32.96 -1.25 19.59
N CYS D 67 32.05 -1.30 18.62
CA CYS D 67 30.59 -1.38 18.89
C CYS D 67 30.24 -2.82 19.26
N SER D 68 29.30 -3.00 20.16
CA SER D 68 28.87 -4.36 20.57
C SER D 68 27.99 -4.94 19.44
N GLU D 69 27.30 -4.08 18.70
CA GLU D 69 26.53 -4.44 17.49
C GLU D 69 26.56 -3.29 16.47
N ILE D 70 26.42 -3.61 15.20
CA ILE D 70 26.01 -2.62 14.16
C ILE D 70 24.77 -3.13 13.43
N TYR D 71 24.07 -2.26 12.73
CA TYR D 71 22.99 -2.63 11.78
C TYR D 71 23.43 -2.28 10.37
N ILE D 72 23.35 -3.24 9.46
CA ILE D 72 23.74 -3.07 8.06
C ILE D 72 22.43 -3.05 7.31
N HIS D 73 22.14 -1.93 6.67
CA HIS D 73 20.89 -1.73 5.94
C HIS D 73 21.22 -1.72 4.46
N GLY D 74 20.50 -2.47 3.63
CA GLY D 74 20.65 -2.44 2.17
C GLY D 74 19.28 -2.47 1.53
N LEU D 75 19.15 -1.84 0.37
CA LEU D 75 17.86 -1.67 -0.34
C LEU D 75 18.01 -2.24 -1.74
N GLY D 76 16.95 -2.77 -2.31
CA GLY D 76 17.02 -3.23 -3.71
C GLY D 76 18.27 -4.08 -3.92
N LEU D 77 19.03 -3.80 -4.97
CA LEU D 77 20.20 -4.62 -5.39
C LEU D 77 21.27 -4.68 -4.31
N ALA D 78 21.32 -3.69 -3.41
CA ALA D 78 22.27 -3.67 -2.28
C ALA D 78 21.92 -4.73 -1.23
N ILE D 79 20.87 -5.53 -1.44
CA ILE D 79 20.52 -6.57 -0.42
C ILE D 79 21.62 -7.64 -0.40
N ASN D 80 21.97 -8.22 -1.56
CA ASN D 80 23.08 -9.19 -1.65
C ASN D 80 24.32 -8.61 -0.95
N ARG D 81 24.60 -7.34 -1.11
CA ARG D 81 25.89 -6.78 -0.67
C ARG D 81 25.88 -6.66 0.84
N ALA D 82 24.72 -6.34 1.40
CA ALA D 82 24.53 -6.29 2.87
C ALA D 82 24.79 -7.69 3.45
N ILE D 83 24.13 -8.69 2.89
CA ILE D 83 24.26 -10.10 3.32
C ILE D 83 25.75 -10.46 3.31
N ASN D 84 26.33 -10.29 2.13
CA ASN D 84 27.75 -10.48 1.84
C ASN D 84 28.63 -9.88 2.92
N ILE D 85 28.45 -8.62 3.23
CA ILE D 85 29.28 -7.94 4.25
C ILE D 85 29.02 -8.61 5.61
N ALA D 86 27.78 -9.01 5.90
CA ALA D 86 27.47 -9.54 7.24
C ALA D 86 28.13 -10.93 7.37
N LEU D 87 27.98 -11.77 6.35
CA LEU D 87 28.50 -13.16 6.37
C LEU D 87 30.01 -13.10 6.40
N GLN D 88 30.60 -12.18 5.64
CA GLN D 88 32.06 -11.94 5.65
C GLN D 88 32.50 -11.53 7.06
N LEU D 89 31.81 -10.61 7.70
CA LEU D 89 32.19 -10.19 9.07
C LEU D 89 32.24 -11.43 9.95
N GLN D 90 31.25 -12.34 9.83
CA GLN D 90 31.10 -13.40 10.86
C GLN D 90 32.12 -14.51 10.55
N ALA D 91 32.29 -14.81 9.26
CA ALA D 91 33.29 -15.76 8.74
C ALA D 91 34.67 -15.53 9.33
N GLY D 92 35.06 -14.30 9.66
CA GLY D 92 36.41 -14.06 10.20
C GLY D 92 36.44 -13.70 11.67
N SER D 93 35.36 -13.94 12.40
CA SER D 93 35.23 -13.59 13.85
C SER D 93 35.61 -14.73 14.78
N PHE D 94 35.91 -15.96 14.31
CA PHE D 94 36.15 -17.11 15.23
C PHE D 94 34.90 -17.29 16.10
N GLY D 95 33.71 -17.16 15.49
CA GLY D 95 32.38 -17.26 16.13
C GLY D 95 32.05 -16.18 17.16
N SER D 96 32.76 -15.06 17.25
CA SER D 96 32.37 -13.96 18.18
C SER D 96 31.35 -13.02 17.54
N LEU D 97 31.09 -13.12 16.23
CA LEU D 97 30.04 -12.24 15.62
C LEU D 97 28.90 -13.11 15.11
N GLN D 98 27.70 -12.75 15.53
CA GLN D 98 26.43 -13.41 15.11
C GLN D 98 25.63 -12.42 14.29
N VAL D 99 24.67 -12.96 13.57
CA VAL D 99 23.94 -12.24 12.51
C VAL D 99 22.45 -12.48 12.70
N ALA D 100 21.64 -11.44 12.52
CA ALA D 100 20.16 -11.48 12.58
C ALA D 100 19.56 -10.52 11.56
N ALA D 101 18.90 -11.05 10.54
CA ALA D 101 18.32 -10.28 9.44
C ALA D 101 16.80 -10.09 9.58
N ASN D 102 16.31 -8.85 9.50
CA ASN D 102 14.87 -8.57 9.22
C ASN D 102 14.74 -8.01 7.81
N THR D 103 13.55 -8.12 7.23
CA THR D 103 13.21 -7.50 5.94
C THR D 103 12.16 -6.38 6.18
N SER D 104 11.91 -5.55 5.16
CA SER D 104 10.94 -4.43 5.21
C SER D 104 10.67 -3.95 3.80
N THR D 105 9.60 -3.17 3.64
CA THR D 105 9.22 -2.62 2.33
C THR D 105 9.52 -1.13 2.38
N VAL D 106 10.06 -0.56 1.32
CA VAL D 106 10.49 0.87 1.31
C VAL D 106 9.85 1.55 0.10
N GLU D 107 9.13 2.63 0.35
CA GLU D 107 8.52 3.43 -0.75
C GLU D 107 9.60 4.34 -1.33
N LEU D 108 9.74 4.32 -2.65
CA LEU D 108 10.62 5.24 -3.39
C LEU D 108 9.78 6.17 -4.30
N VAL D 109 10.31 7.37 -4.42
CA VAL D 109 9.73 8.50 -5.21
C VAL D 109 10.69 8.87 -6.35
N ASP D 110 10.33 8.59 -7.60
CA ASP D 110 10.97 9.18 -8.81
C ASP D 110 10.30 10.52 -9.19
N GLU D 111 11.06 11.62 -9.25
CA GLU D 111 10.59 12.95 -9.77
C GLU D 111 10.19 12.82 -11.24
N LEU D 112 8.99 13.33 -11.58
CA LEU D 112 8.49 13.45 -12.97
C LEU D 112 8.44 14.94 -13.38
N GLU D 113 8.06 15.83 -12.47
CA GLU D 113 8.01 17.28 -12.77
C GLU D 113 8.49 18.05 -11.55
N PRO D 114 9.46 18.97 -11.75
CA PRO D 114 9.98 19.83 -10.69
C PRO D 114 8.96 20.29 -9.66
N GLU D 115 9.18 19.89 -8.42
CA GLU D 115 8.70 20.65 -7.25
C GLU D 115 9.12 22.09 -7.50
N THR D 116 8.17 23.00 -7.68
CA THR D 116 8.47 24.45 -7.56
C THR D 116 8.10 24.81 -6.11
N ASP D 117 8.13 26.10 -5.79
CA ASP D 117 7.66 26.65 -4.48
C ASP D 117 6.12 26.57 -4.42
N THR D 118 5.45 26.63 -5.59
CA THR D 118 3.97 26.73 -5.78
C THR D 118 3.31 25.34 -5.78
N ARG D 119 3.92 24.37 -6.46
CA ARG D 119 3.32 23.06 -6.79
C ARG D 119 3.91 21.98 -5.89
N GLU D 120 3.11 20.96 -5.57
CA GLU D 120 3.61 19.60 -5.27
C GLU D 120 4.29 19.08 -6.53
N PRO D 121 5.47 18.44 -6.42
CA PRO D 121 6.11 17.86 -7.59
C PRO D 121 5.19 16.74 -8.08
N LEU D 122 5.36 16.31 -9.30
CA LEU D 122 4.62 15.17 -9.84
C LEU D 122 5.60 13.99 -9.80
N THR D 123 5.28 12.94 -9.04
CA THR D 123 6.25 11.86 -8.69
C THR D 123 5.59 10.52 -8.95
N ARG D 124 6.41 9.57 -9.36
CA ARG D 124 6.01 8.17 -9.61
C ARG D 124 6.39 7.40 -8.35
N ILE D 125 5.54 6.46 -7.90
CA ILE D 125 5.69 5.76 -6.59
C ILE D 125 5.97 4.30 -6.84
N ARG D 126 6.97 3.79 -6.13
CA ARG D 126 7.62 2.49 -6.40
C ARG D 126 7.91 1.87 -5.04
N ASN D 127 7.88 0.55 -4.96
CA ASN D 127 8.31 -0.14 -3.71
C ASN D 127 9.59 -0.94 -4.01
N ASN D 128 10.53 -0.92 -3.07
CA ASN D 128 11.68 -1.85 -3.09
C ASN D 128 11.71 -2.56 -1.74
N SER D 129 12.13 -3.82 -1.74
CA SER D 129 12.50 -4.57 -0.51
C SER D 129 13.81 -3.97 0.00
N ALA D 130 13.94 -3.86 1.30
CA ALA D 130 15.20 -3.59 2.03
C ALA D 130 15.47 -4.71 3.05
N ILE D 131 16.74 -4.84 3.49
CA ILE D 131 17.18 -5.85 4.50
C ILE D 131 17.93 -5.08 5.57
N HIS D 132 17.83 -5.53 6.81
CA HIS D 132 18.36 -4.91 8.05
C HIS D 132 19.04 -6.04 8.85
N ILE D 133 20.37 -6.05 8.86
CA ILE D 133 21.19 -7.18 9.38
C ILE D 133 21.91 -6.70 10.63
N ARG D 134 21.45 -7.13 11.81
CA ARG D 134 22.13 -6.90 13.10
C ARG D 134 23.35 -7.82 13.16
N VAL D 135 24.54 -7.26 13.34
CA VAL D 135 25.81 -8.02 13.46
C VAL D 135 26.36 -7.65 14.82
N PHE D 136 26.40 -8.62 15.74
CA PHE D 136 26.68 -8.34 17.15
C PHE D 136 27.71 -9.33 17.67
N ARG D 137 28.50 -8.81 18.60
CA ARG D 137 29.60 -9.53 19.25
C ARG D 137 29.03 -10.30 20.42
N VAL D 138 29.31 -11.60 20.41
CA VAL D 138 29.02 -12.54 21.54
C VAL D 138 30.36 -12.88 22.18
N THR D 139 30.38 -12.83 23.51
CA THR D 139 31.57 -13.09 24.35
C THR D 139 31.27 -14.23 25.34
N PRO D 140 32.26 -15.09 25.68
CA PRO D 140 32.06 -16.11 26.72
C PRO D 140 31.73 -15.44 28.07
N LYS D 141 30.82 -16.01 28.87
CA LYS D 141 30.46 -15.49 30.22
C LYS D 141 29.38 -16.36 30.86
N SER E 8 23.67 -24.50 -15.39
CA SER E 8 23.82 -24.03 -13.98
C SER E 8 23.23 -25.05 -13.01
N GLU E 9 24.00 -25.42 -11.98
CA GLU E 9 23.51 -26.20 -10.81
C GLU E 9 23.94 -25.47 -9.52
N GLU E 10 23.02 -25.41 -8.55
CA GLU E 10 23.20 -24.79 -7.21
C GLU E 10 23.68 -25.90 -6.24
N ALA E 11 23.76 -25.60 -4.93
CA ALA E 11 24.17 -26.50 -3.82
C ALA E 11 24.65 -25.64 -2.65
N PRO E 12 24.74 -26.16 -1.41
CA PRO E 12 25.25 -25.39 -0.27
C PRO E 12 26.72 -24.94 -0.43
N ALA E 13 27.29 -24.28 0.58
CA ALA E 13 28.70 -23.81 0.56
C ALA E 13 29.33 -23.96 1.95
N GLY E 25 15.12 -29.29 3.87
CA GLY E 25 14.41 -28.02 4.14
C GLY E 25 15.31 -26.97 4.80
N PRO E 26 15.30 -25.70 4.34
CA PRO E 26 16.00 -24.63 5.05
C PRO E 26 15.41 -24.28 6.43
N PHE E 27 14.19 -24.71 6.72
CA PHE E 27 13.58 -24.57 8.07
C PHE E 27 12.99 -25.90 8.57
N ALA E 28 13.60 -27.01 8.17
CA ALA E 28 13.30 -28.37 8.67
C ALA E 28 13.16 -28.34 10.20
N ASP E 29 14.03 -27.62 10.90
CA ASP E 29 14.02 -27.52 12.38
C ASP E 29 12.76 -26.82 12.89
N LEU E 30 12.13 -25.89 12.14
CA LEU E 30 11.14 -24.96 12.74
C LEU E 30 9.76 -25.23 12.17
N ALA E 31 9.66 -25.84 11.01
CA ALA E 31 8.40 -25.97 10.24
C ALA E 31 8.62 -27.04 9.19
N PRO E 32 8.56 -28.33 9.60
CA PRO E 32 9.09 -29.43 8.79
C PRO E 32 8.35 -29.61 7.46
N GLY E 33 7.03 -29.36 7.43
CA GLY E 33 6.19 -29.67 6.26
C GLY E 33 5.88 -28.44 5.40
N ALA E 34 6.52 -27.32 5.69
CA ALA E 34 6.22 -25.99 5.11
C ALA E 34 6.25 -26.07 3.59
N VAL E 35 5.37 -25.32 2.92
CA VAL E 35 5.45 -25.18 1.45
C VAL E 35 6.76 -24.46 1.15
N HIS E 36 7.52 -24.96 0.20
CA HIS E 36 8.83 -24.37 -0.16
C HIS E 36 8.69 -23.68 -1.51
N ARG E 38 10.61 -21.99 -4.25
CA ARG E 38 11.98 -21.85 -4.80
C ARG E 38 11.92 -20.68 -5.76
N VAL E 39 12.52 -19.55 -5.39
CA VAL E 39 12.43 -18.31 -6.20
C VAL E 39 13.67 -18.29 -7.12
N LYS E 40 13.44 -18.15 -8.42
CA LYS E 40 14.52 -18.09 -9.45
C LYS E 40 14.45 -16.70 -10.08
N GLU E 41 15.57 -16.20 -10.61
CA GLU E 41 15.69 -14.83 -11.16
C GLU E 41 14.62 -14.66 -12.24
N GLY E 42 14.36 -15.71 -13.01
CA GLY E 42 13.36 -15.78 -14.12
C GLY E 42 11.94 -15.58 -13.56
N SER E 43 11.65 -16.20 -12.42
CA SER E 43 10.26 -16.38 -11.93
C SER E 43 9.47 -15.07 -12.09
N LYS E 44 8.32 -15.12 -12.76
CA LYS E 44 7.31 -14.04 -12.72
C LYS E 44 6.79 -14.00 -11.28
N ILE E 45 6.78 -12.83 -10.65
CA ILE E 45 6.29 -12.70 -9.23
C ILE E 45 4.87 -13.23 -9.18
N ARG E 46 4.04 -12.73 -10.08
CA ARG E 46 2.57 -12.95 -10.10
C ARG E 46 2.28 -14.45 -10.11
N ASN E 47 3.11 -15.22 -10.82
CA ASN E 47 3.07 -16.70 -10.80
C ASN E 47 3.33 -17.22 -9.38
N LEU E 48 4.48 -16.87 -8.78
CA LEU E 48 4.87 -17.30 -7.41
C LEU E 48 3.79 -16.92 -6.39
N ALA E 50 0.48 -16.11 -6.86
CA ALA E 50 -0.75 -16.89 -7.11
C ALA E 50 -0.64 -18.20 -6.30
N PHE E 51 0.36 -19.03 -6.58
CA PHE E 51 0.55 -20.33 -5.88
C PHE E 51 0.63 -20.11 -4.36
N ALA E 52 1.54 -19.25 -3.93
CA ALA E 52 1.80 -18.90 -2.51
C ALA E 52 0.50 -18.57 -1.77
N THR E 53 -0.35 -17.72 -2.35
CA THR E 53 -1.56 -17.17 -1.67
C THR E 53 -2.60 -18.28 -1.62
N ALA E 54 -2.79 -18.98 -2.73
CA ALA E 54 -3.69 -20.15 -2.81
C ALA E 54 -3.29 -21.13 -1.69
N SER E 55 -2.02 -21.50 -1.68
CA SER E 55 -1.45 -22.48 -0.72
C SER E 55 -1.74 -22.05 0.73
N ALA E 57 -4.08 -19.90 1.64
CA ALA E 57 -5.56 -19.80 1.71
C ALA E 57 -6.11 -21.01 2.48
N GLN E 58 -5.58 -22.21 2.21
CA GLN E 58 -5.87 -23.48 2.91
C GLN E 58 -5.44 -23.44 4.38
N PRO E 59 -6.39 -23.51 5.35
CA PRO E 59 -6.05 -23.35 6.76
C PRO E 59 -5.09 -24.40 7.29
N ALA E 60 -5.02 -25.56 6.63
CA ALA E 60 -4.14 -26.69 7.03
C ALA E 60 -2.68 -26.35 6.71
N THR E 61 -2.44 -25.58 5.63
CA THR E 61 -1.12 -24.97 5.35
C THR E 61 -0.76 -23.99 6.48
N ARG E 62 0.27 -24.32 7.28
CA ARG E 62 0.62 -23.58 8.53
C ARG E 62 1.77 -22.60 8.29
N ALA E 63 2.55 -22.85 7.24
CA ALA E 63 3.82 -22.14 7.06
C ALA E 63 4.29 -22.24 5.63
N ILE E 64 5.03 -21.22 5.22
CA ILE E 64 5.60 -21.17 3.86
C ILE E 64 7.03 -20.65 3.98
N VAL E 65 7.87 -21.10 3.06
CA VAL E 65 9.28 -20.65 2.97
C VAL E 65 9.51 -20.12 1.58
N PHE E 66 10.19 -18.99 1.48
CA PHE E 66 10.70 -18.47 0.19
C PHE E 66 12.21 -18.53 0.24
N SER E 67 12.83 -18.97 -0.86
CA SER E 67 14.30 -19.18 -0.95
C SER E 67 14.78 -18.67 -2.29
N GLY E 68 15.97 -18.07 -2.24
CA GLY E 68 16.71 -17.66 -3.44
C GLY E 68 18.09 -17.13 -3.09
N CYS E 69 18.92 -17.02 -4.11
CA CYS E 69 20.29 -16.46 -4.00
C CYS E 69 20.67 -15.75 -5.29
N GLY E 70 21.83 -15.09 -5.21
CA GLY E 70 22.36 -14.22 -6.26
C GLY E 70 21.32 -13.26 -6.77
N ARG E 71 20.99 -13.40 -8.05
CA ARG E 71 20.14 -12.47 -8.81
C ARG E 71 18.68 -12.67 -8.40
N ALA E 72 18.38 -13.67 -7.56
CA ALA E 72 16.98 -13.96 -7.14
C ALA E 72 16.71 -13.53 -5.68
N THR E 73 17.70 -12.99 -4.98
CA THR E 73 17.52 -12.54 -3.58
C THR E 73 16.50 -11.40 -3.49
N THR E 74 16.59 -10.41 -4.33
CA THR E 74 15.67 -9.26 -4.23
C THR E 74 14.24 -9.83 -4.30
N LYS E 75 13.95 -10.61 -5.33
CA LYS E 75 12.61 -11.18 -5.60
C LYS E 75 12.20 -12.04 -4.41
N THR E 76 13.16 -12.75 -3.82
CA THR E 76 12.86 -13.63 -2.68
C THR E 76 12.24 -12.74 -1.60
N VAL E 77 12.94 -11.70 -1.21
CA VAL E 77 12.44 -10.76 -0.15
C VAL E 77 11.12 -10.12 -0.63
N THR E 78 10.91 -9.96 -1.92
CA THR E 78 9.79 -9.16 -2.42
C THR E 78 8.56 -10.03 -2.24
N CYS E 79 8.67 -11.29 -2.67
CA CYS E 79 7.58 -12.28 -2.47
C CYS E 79 7.21 -12.32 -0.98
N ALA E 80 8.19 -12.40 -0.07
CA ALA E 80 7.92 -12.46 1.38
C ALA E 80 7.17 -11.22 1.84
N GLU E 81 7.50 -10.05 1.29
CA GLU E 81 6.92 -8.76 1.80
C GLU E 81 5.48 -8.58 1.29
N ILE E 82 5.24 -9.00 0.05
CA ILE E 82 3.89 -8.93 -0.59
C ILE E 82 2.94 -9.91 0.14
N LEU E 83 3.38 -11.14 0.43
CA LEU E 83 2.56 -12.13 1.18
C LEU E 83 2.22 -11.53 2.54
N LYS E 84 3.17 -10.87 3.20
CA LYS E 84 2.90 -10.28 4.54
C LYS E 84 1.92 -9.11 4.42
N ARG E 85 1.83 -8.51 3.24
CA ARG E 85 0.95 -7.34 3.01
C ARG E 85 -0.49 -7.86 2.90
N ARG E 86 -0.70 -8.99 2.24
CA ARG E 86 -2.03 -9.64 2.09
C ARG E 86 -2.46 -10.39 3.35
N LEU E 87 -1.55 -11.00 4.11
CA LEU E 87 -1.85 -11.82 5.31
C LEU E 87 -1.20 -11.26 6.55
N ALA E 88 -1.93 -10.54 7.37
CA ALA E 88 -1.38 -9.98 8.61
C ALA E 88 -1.32 -11.09 9.64
N GLY E 89 -0.49 -10.96 10.67
CA GLY E 89 -0.35 -12.01 11.68
C GLY E 89 0.80 -13.02 11.46
N LEU E 90 1.30 -13.26 10.25
CA LEU E 90 2.44 -14.22 10.08
C LEU E 90 3.66 -13.86 10.93
N HIS E 91 4.35 -14.90 11.41
CA HIS E 91 5.60 -14.83 12.20
C HIS E 91 6.71 -15.12 11.18
N GLN E 92 7.80 -14.35 11.26
CA GLN E 92 8.86 -14.38 10.24
C GLN E 92 10.18 -14.75 10.90
N VAL E 93 10.93 -15.55 10.18
CA VAL E 93 12.36 -15.79 10.51
C VAL E 93 13.08 -15.65 9.18
N THR E 94 14.11 -14.80 9.15
CA THR E 94 14.99 -14.65 7.97
C THR E 94 16.34 -15.30 8.26
N ARG E 95 16.82 -16.15 7.33
CA ARG E 95 18.15 -16.82 7.43
C ARG E 95 19.04 -16.53 6.21
N LEU E 96 20.23 -16.03 6.48
CA LEU E 96 21.27 -15.71 5.47
C LEU E 96 22.08 -16.98 5.23
N ARG E 97 22.31 -17.30 3.97
CA ARG E 97 23.16 -18.43 3.51
C ARG E 97 24.03 -17.96 2.32
N TYR E 98 25.25 -18.50 2.24
CA TYR E 98 26.00 -18.61 0.96
C TYR E 98 25.52 -19.86 0.25
N ARG E 99 25.56 -19.83 -1.06
CA ARG E 99 25.33 -20.99 -1.95
C ARG E 99 26.43 -21.01 -3.01
N SER E 100 26.90 -22.20 -3.39
CA SER E 100 27.89 -22.35 -4.50
C SER E 100 27.08 -22.63 -5.76
N VAL E 101 27.47 -22.02 -6.87
CA VAL E 101 26.87 -22.25 -8.20
C VAL E 101 28.02 -22.63 -9.15
N ARG E 102 27.90 -23.77 -9.85
CA ARG E 102 28.81 -24.22 -10.93
C ARG E 102 28.03 -24.14 -12.24
N GLU E 103 28.67 -23.75 -13.34
CA GLU E 103 28.03 -23.63 -14.69
C GLU E 103 29.08 -23.65 -15.81
N VAL E 127 34.35 -23.10 -13.35
CA VAL E 127 33.57 -21.83 -13.38
C VAL E 127 32.50 -21.80 -12.26
N LEU E 128 32.88 -22.01 -10.99
CA LEU E 128 31.98 -22.02 -9.80
C LEU E 128 32.11 -20.70 -9.03
N LYS E 129 31.00 -20.19 -8.45
CA LYS E 129 30.89 -18.87 -7.75
C LYS E 129 30.17 -19.01 -6.39
N ASN E 130 30.70 -18.37 -5.34
CA ASN E 130 30.02 -18.14 -4.03
C ASN E 130 29.03 -16.96 -4.19
N VAL E 131 27.76 -17.18 -3.85
CA VAL E 131 26.65 -16.22 -4.08
C VAL E 131 25.76 -16.12 -2.84
N PRO E 132 25.59 -14.90 -2.29
CA PRO E 132 24.75 -14.71 -1.11
C PRO E 132 23.30 -15.03 -1.45
N GLY E 133 22.57 -15.51 -0.45
CA GLY E 133 21.12 -15.78 -0.59
C GLY E 133 20.44 -15.77 0.76
N LEU E 134 19.14 -16.05 0.78
CA LEU E 134 18.44 -16.18 2.07
C LEU E 134 17.21 -17.09 1.90
N ALA E 135 16.67 -17.47 3.03
CA ALA E 135 15.43 -18.26 3.13
C ALA E 135 14.53 -17.53 4.13
N ILE E 136 13.30 -17.22 3.75
CA ILE E 136 12.34 -16.54 4.69
C ILE E 136 11.25 -17.53 5.03
N LEU E 137 11.05 -17.73 6.33
CA LEU E 137 9.94 -18.54 6.86
C LEU E 137 8.82 -17.58 7.29
N LEU E 138 7.60 -17.81 6.79
CA LEU E 138 6.35 -17.17 7.28
C LEU E 138 5.42 -18.27 7.77
N SER E 139 4.93 -18.10 8.99
CA SER E 139 4.29 -19.13 9.84
C SER E 139 2.97 -18.56 10.36
N LYS E 140 1.83 -19.26 10.14
CA LYS E 140 0.56 -18.88 10.81
C LYS E 140 0.76 -19.14 12.29
N ASP E 141 1.71 -19.98 12.68
CA ASP E 141 1.83 -20.34 14.14
C ASP E 141 3.03 -19.60 14.73
N ALA E 142 2.95 -19.22 16.00
CA ALA E 142 4.03 -18.48 16.70
C ALA E 142 5.33 -19.27 16.66
N LEU E 143 6.43 -18.56 16.48
CA LEU E 143 7.82 -19.06 16.51
C LEU E 143 8.49 -18.40 17.70
N ASP E 144 9.56 -19.00 18.19
CA ASP E 144 10.20 -18.53 19.44
C ASP E 144 10.82 -17.19 19.04
N PRO E 145 10.52 -16.11 19.75
CA PRO E 145 11.17 -14.84 19.44
C PRO E 145 12.70 -14.88 19.56
N ARG E 146 13.27 -15.84 20.29
CA ARG E 146 14.73 -15.90 20.56
C ARG E 146 15.44 -16.43 19.31
N GLN E 147 14.69 -16.98 18.38
CA GLN E 147 15.24 -17.57 17.15
C GLN E 147 15.89 -16.45 16.33
N PRO E 148 17.19 -16.51 15.97
CA PRO E 148 17.84 -15.37 15.32
C PRO E 148 17.25 -15.15 13.93
N GLY E 149 16.93 -13.90 13.59
CA GLY E 149 16.24 -13.53 12.34
C GLY E 149 14.73 -13.49 12.51
N TYR E 150 14.25 -13.59 13.76
CA TYR E 150 12.81 -13.49 14.06
C TYR E 150 12.36 -12.03 13.85
N GLN E 151 11.19 -11.88 13.25
CA GLN E 151 10.45 -10.60 13.10
C GLN E 151 9.02 -10.85 13.54
N PRO E 152 8.53 -10.22 14.63
CA PRO E 152 7.12 -10.30 15.03
C PRO E 152 6.20 -9.77 13.93
N PRO E 153 4.91 -10.13 13.91
CA PRO E 153 3.97 -9.60 12.92
C PRO E 153 3.65 -8.12 13.18
N ASN E 154 3.49 -7.31 12.12
CA ASN E 154 3.03 -5.89 12.23
C ASN E 154 1.57 -5.87 12.69
N PRO E 155 1.26 -5.17 13.81
CA PRO E 155 -0.09 -5.17 14.43
C PRO E 155 -1.37 -4.89 13.61
N HIS E 156 -1.36 -3.96 12.63
CA HIS E 156 -2.50 -3.63 11.72
C HIS E 156 -3.71 -3.06 12.48
N PRO E 157 -3.57 -1.99 13.30
CA PRO E 157 -4.56 -1.68 14.35
C PRO E 157 -5.77 -0.88 13.85
#